data_3AJR
#
_entry.id   3AJR
#
_cell.length_a   150.567
_cell.length_b   46.588
_cell.length_c   89.929
_cell.angle_alpha   90.00
_cell.angle_beta   113.24
_cell.angle_gamma   90.00
#
_symmetry.space_group_name_H-M   'C 1 2 1'
#
loop_
_entity.id
_entity.type
_entity.pdbx_description
1 polymer 'NDP-sugar epimerase'
2 non-polymer (3R)-3-hydroxy-L-norvaline
3 non-polymer NICOTINAMIDE-ADENINE-DINUCLEOTIDE
4 non-polymer (4S)-2-METHYL-2,4-PENTANEDIOL
5 water water
#
_entity_poly.entity_id   1
_entity_poly.type   'polypeptide(L)'
_entity_poly.pdbx_seq_one_letter_code
;MILVTGSSGQIGTELVPYLAEKYGKKNVIASDIVQRDTGGIKFITLDVSNRDEIDRAVEKYSIDAIFHLAGILSAKGEKD
PALAYKVNMNGTYNILEAAKQHRVEKVVIPSTIGVFGPETPKNKVPSITITRPRTMFGVTKIAAELLGQYYYEKFGLDVR
SLRYPGIISYKAEPTAGTTDYAVEIFYYAVKREKYKCYLAPNRALPMMYMPDALKALVDLYEADRDKLVLRNGYNVTAYT
FTPSELYSKIKERIPEFEIEYKEDFRDKIAATWPESLDSSEASNEWGFSIEYDLDRTIDDMIDHISEKLGIEGKHAL
;
_entity_poly.pdbx_strand_id   A,B
#
# COMPACT_ATOMS: atom_id res chain seq x y z
N MET A 1 -28.57 7.90 7.69
CA MET A 1 -28.65 7.12 6.41
C MET A 1 -27.33 6.40 6.17
N ILE A 2 -27.42 5.10 5.93
CA ILE A 2 -26.24 4.28 5.69
C ILE A 2 -26.20 3.77 4.26
N LEU A 3 -25.06 3.93 3.60
CA LEU A 3 -24.88 3.44 2.24
C LEU A 3 -23.96 2.23 2.30
N VAL A 4 -24.34 1.16 1.62
CA VAL A 4 -23.49 -0.02 1.57
C VAL A 4 -23.09 -0.21 0.11
N THR A 5 -21.79 -0.23 -0.17
CA THR A 5 -21.32 -0.45 -1.53
C THR A 5 -21.02 -1.94 -1.67
N GLY A 6 -21.11 -2.46 -2.89
CA GLY A 6 -20.85 -3.88 -3.12
C GLY A 6 -21.78 -4.76 -2.29
N SER A 7 -23.05 -4.37 -2.22
CA SER A 7 -24.04 -5.09 -1.42
C SER A 7 -24.45 -6.48 -1.87
N SER A 8 -24.15 -6.84 -3.12
CA SER A 8 -24.58 -8.15 -3.63
C SER A 8 -23.60 -9.29 -3.36
N GLY A 9 -22.50 -8.98 -2.69
CA GLY A 9 -21.50 -9.99 -2.39
C GLY A 9 -21.83 -10.89 -1.21
N GLN A 10 -20.89 -11.75 -0.85
CA GLN A 10 -21.08 -12.68 0.26
C GLN A 10 -21.40 -11.95 1.56
N ILE A 11 -20.70 -10.86 1.81
CA ILE A 11 -20.92 -10.08 3.03
C ILE A 11 -22.13 -9.16 2.92
N GLY A 12 -22.18 -8.40 1.83
CA GLY A 12 -23.28 -7.48 1.62
C GLY A 12 -24.63 -8.16 1.66
N THR A 13 -24.72 -9.35 1.08
CA THR A 13 -25.99 -10.07 1.05
C THR A 13 -26.56 -10.20 2.46
N GLU A 14 -25.71 -10.31 3.46
CA GLU A 14 -26.17 -10.44 4.84
C GLU A 14 -26.05 -9.16 5.67
N LEU A 15 -25.12 -8.28 5.31
CA LEU A 15 -24.94 -7.05 6.04
C LEU A 15 -26.12 -6.11 5.86
N VAL A 16 -26.63 -6.02 4.63
CA VAL A 16 -27.76 -5.13 4.36
C VAL A 16 -28.96 -5.39 5.27
N PRO A 17 -29.46 -6.64 5.34
CA PRO A 17 -30.62 -6.87 6.22
C PRO A 17 -30.24 -6.78 7.70
N TYR A 18 -28.97 -7.03 7.99
CA TYR A 18 -28.46 -6.98 9.36
C TYR A 18 -28.55 -5.52 9.84
N LEU A 19 -28.10 -4.61 8.99
CA LEU A 19 -28.13 -3.19 9.31
C LEU A 19 -29.57 -2.69 9.37
N ALA A 20 -30.40 -3.15 8.46
CA ALA A 20 -31.80 -2.74 8.40
C ALA A 20 -32.54 -3.14 9.67
N GLU A 21 -32.30 -4.35 10.15
CA GLU A 21 -32.98 -4.80 11.35
C GLU A 21 -32.55 -4.00 12.56
N LYS A 22 -31.29 -3.56 12.55
CA LYS A 22 -30.75 -2.80 13.67
C LYS A 22 -31.06 -1.30 13.64
N TYR A 23 -31.08 -0.70 12.45
CA TYR A 23 -31.32 0.74 12.34
C TYR A 23 -32.58 1.13 11.57
N GLY A 24 -33.26 0.15 10.98
CA GLY A 24 -34.47 0.44 10.22
C GLY A 24 -34.23 0.41 8.73
N LYS A 25 -35.13 -0.24 8.00
CA LYS A 25 -35.00 -0.36 6.55
C LYS A 25 -34.89 0.98 5.83
N LYS A 26 -35.62 1.98 6.31
CA LYS A 26 -35.61 3.29 5.67
C LYS A 26 -34.28 4.03 5.81
N ASN A 27 -33.44 3.56 6.73
CA ASN A 27 -32.15 4.19 6.96
C ASN A 27 -30.97 3.49 6.31
N VAL A 28 -31.26 2.49 5.47
CA VAL A 28 -30.22 1.74 4.77
C VAL A 28 -30.43 1.74 3.26
N ILE A 29 -29.37 1.99 2.51
CA ILE A 29 -29.42 1.98 1.04
C ILE A 29 -28.38 0.97 0.54
N ALA A 30 -28.84 -0.02 -0.22
CA ALA A 30 -27.96 -1.04 -0.77
C ALA A 30 -27.55 -0.60 -2.17
N SER A 31 -26.30 -0.88 -2.56
CA SER A 31 -25.84 -0.52 -3.89
C SER A 31 -24.78 -1.48 -4.39
N ASP A 32 -24.72 -1.64 -5.71
CA ASP A 32 -23.76 -2.53 -6.34
C ASP A 32 -23.89 -2.30 -7.84
N ILE A 33 -23.05 -2.95 -8.64
CA ILE A 33 -23.13 -2.80 -10.09
C ILE A 33 -24.04 -3.92 -10.60
N VAL A 34 -24.33 -4.86 -9.71
CA VAL A 34 -25.20 -5.99 -10.01
C VAL A 34 -26.26 -6.05 -8.93
N GLN A 35 -27.53 -5.95 -9.32
CA GLN A 35 -28.62 -5.99 -8.36
C GLN A 35 -29.07 -7.40 -8.00
N ARG A 36 -29.40 -7.59 -6.74
CA ARG A 36 -29.88 -8.86 -6.20
C ARG A 36 -31.00 -8.51 -5.22
N ASP A 37 -31.84 -9.48 -4.89
CA ASP A 37 -32.93 -9.22 -3.96
C ASP A 37 -32.39 -8.66 -2.65
N THR A 38 -32.96 -7.53 -2.21
CA THR A 38 -32.51 -6.91 -0.97
C THR A 38 -33.59 -6.93 0.11
N GLY A 39 -34.57 -7.81 -0.07
CA GLY A 39 -35.63 -7.94 0.92
C GLY A 39 -36.46 -6.70 1.22
N GLY A 40 -36.70 -5.89 0.20
CA GLY A 40 -37.50 -4.69 0.40
C GLY A 40 -36.70 -3.45 0.73
N ILE A 41 -35.38 -3.60 0.84
CA ILE A 41 -34.50 -2.49 1.16
C ILE A 41 -34.09 -1.78 -0.12
N LYS A 42 -34.15 -0.44 -0.12
CA LYS A 42 -33.80 0.35 -1.29
C LYS A 42 -32.46 -0.03 -1.92
N PHE A 43 -32.48 -0.24 -3.22
CA PHE A 43 -31.26 -0.57 -3.95
C PHE A 43 -31.03 0.41 -5.08
N ILE A 44 -29.78 0.89 -5.20
CA ILE A 44 -29.43 1.80 -6.28
C ILE A 44 -28.19 1.25 -6.96
N THR A 45 -28.08 1.47 -8.26
CA THR A 45 -26.92 0.99 -9.00
C THR A 45 -25.80 1.99 -8.74
N LEU A 46 -24.62 1.48 -8.40
CA LEU A 46 -23.49 2.36 -8.11
C LEU A 46 -22.16 1.67 -8.40
N ASP A 47 -21.40 2.26 -9.33
CA ASP A 47 -20.07 1.77 -9.70
C ASP A 47 -19.10 2.67 -8.96
N VAL A 48 -18.41 2.13 -7.94
CA VAL A 48 -17.49 2.94 -7.16
C VAL A 48 -16.30 3.50 -7.92
N SER A 49 -16.05 2.96 -9.12
CA SER A 49 -14.93 3.48 -9.90
C SER A 49 -15.33 4.79 -10.56
N ASN A 50 -16.62 5.12 -10.46
CA ASN A 50 -17.18 6.35 -11.04
C ASN A 50 -17.49 7.34 -9.92
N ARG A 51 -16.57 8.26 -9.66
CA ARG A 51 -16.74 9.27 -8.62
C ARG A 51 -18.05 10.04 -8.75
N ASP A 52 -18.43 10.34 -9.99
CA ASP A 52 -19.67 11.07 -10.24
C ASP A 52 -20.88 10.35 -9.66
N GLU A 53 -20.91 9.03 -9.81
CA GLU A 53 -22.03 8.24 -9.28
C GLU A 53 -22.07 8.29 -7.76
N ILE A 54 -20.90 8.19 -7.12
CA ILE A 54 -20.86 8.25 -5.66
C ILE A 54 -21.36 9.58 -5.15
N ASP A 55 -20.90 10.67 -5.76
CA ASP A 55 -21.33 12.01 -5.36
C ASP A 55 -22.84 12.14 -5.44
N ARG A 56 -23.42 11.68 -6.53
CA ARG A 56 -24.86 11.76 -6.72
C ARG A 56 -25.63 10.94 -5.70
N ALA A 57 -25.14 9.74 -5.38
CA ALA A 57 -25.80 8.89 -4.40
C ALA A 57 -25.70 9.50 -3.02
N VAL A 58 -24.51 9.95 -2.63
CA VAL A 58 -24.33 10.54 -1.31
C VAL A 58 -25.17 11.80 -1.13
N GLU A 59 -25.31 12.57 -2.19
CA GLU A 59 -26.09 13.81 -2.15
C GLU A 59 -27.58 13.52 -2.10
N LYS A 60 -28.06 12.69 -3.01
CA LYS A 60 -29.48 12.38 -3.07
C LYS A 60 -30.03 11.76 -1.79
N TYR A 61 -29.23 10.93 -1.15
CA TYR A 61 -29.69 10.23 0.06
C TYR A 61 -29.15 10.73 1.40
N SER A 62 -28.49 11.88 1.40
CA SER A 62 -27.95 12.47 2.63
C SER A 62 -27.22 11.43 3.48
N ILE A 63 -26.37 10.66 2.82
CA ILE A 63 -25.60 9.60 3.46
C ILE A 63 -24.73 10.08 4.63
N ASP A 64 -24.87 9.41 5.76
CA ASP A 64 -24.13 9.74 6.97
C ASP A 64 -23.02 8.74 7.25
N ALA A 65 -23.14 7.54 6.68
CA ALA A 65 -22.14 6.50 6.90
C ALA A 65 -22.05 5.56 5.71
N ILE A 66 -20.86 5.09 5.43
CA ILE A 66 -20.66 4.19 4.30
C ILE A 66 -19.91 2.92 4.70
N PHE A 67 -20.52 1.78 4.41
CA PHE A 67 -19.86 0.49 4.64
C PHE A 67 -19.42 0.17 3.23
N HIS A 68 -18.13 0.40 2.97
CA HIS A 68 -17.55 0.20 1.64
C HIS A 68 -17.08 -1.23 1.44
N LEU A 69 -17.93 -2.05 0.84
CA LEU A 69 -17.62 -3.47 0.60
C LEU A 69 -17.26 -3.76 -0.85
N ALA A 70 -17.52 -2.82 -1.75
CA ALA A 70 -17.25 -3.04 -3.16
C ALA A 70 -15.79 -3.38 -3.42
N GLY A 71 -15.55 -4.42 -4.22
CA GLY A 71 -14.19 -4.80 -4.53
C GLY A 71 -14.03 -6.16 -5.17
N ILE A 72 -12.84 -6.38 -5.71
CA ILE A 72 -12.47 -7.64 -6.36
C ILE A 72 -11.61 -8.40 -5.36
N LEU A 73 -11.92 -9.68 -5.15
CA LEU A 73 -11.20 -10.51 -4.18
C LEU A 73 -9.87 -11.08 -4.68
N SER A 74 -9.18 -11.79 -3.80
CA SER A 74 -7.86 -12.35 -4.13
C SER A 74 -7.77 -13.16 -5.42
N ALA A 75 -8.59 -14.20 -5.53
CA ALA A 75 -8.56 -15.07 -6.71
C ALA A 75 -8.92 -14.36 -8.01
N LYS A 76 -10.07 -13.69 -8.04
CA LYS A 76 -10.51 -12.98 -9.22
C LYS A 76 -9.50 -11.90 -9.59
N GLY A 77 -8.91 -11.30 -8.55
CA GLY A 77 -7.92 -10.26 -8.76
C GLY A 77 -6.70 -10.75 -9.52
N GLU A 78 -6.32 -12.00 -9.33
CA GLU A 78 -5.16 -12.53 -10.02
C GLU A 78 -5.47 -12.88 -11.47
N LYS A 79 -6.75 -13.11 -11.75
CA LYS A 79 -7.17 -13.42 -13.11
C LYS A 79 -7.28 -12.12 -13.91
N ASP A 80 -7.50 -11.01 -13.20
CA ASP A 80 -7.63 -9.70 -13.84
C ASP A 80 -7.17 -8.62 -12.86
N PRO A 81 -5.85 -8.47 -12.70
CA PRO A 81 -5.31 -7.46 -11.77
C PRO A 81 -5.66 -6.02 -12.14
N ALA A 82 -5.85 -5.77 -13.44
CA ALA A 82 -6.20 -4.42 -13.88
C ALA A 82 -7.58 -4.04 -13.35
N LEU A 83 -8.49 -5.01 -13.32
CA LEU A 83 -9.84 -4.75 -12.82
C LEU A 83 -9.77 -4.54 -11.31
N ALA A 84 -9.00 -5.37 -10.62
CA ALA A 84 -8.86 -5.26 -9.18
C ALA A 84 -8.29 -3.89 -8.81
N TYR A 85 -7.28 -3.45 -9.55
CA TYR A 85 -6.68 -2.16 -9.26
C TYR A 85 -7.66 -1.01 -9.44
N LYS A 86 -8.41 -1.00 -10.54
CA LYS A 86 -9.38 0.06 -10.79
C LYS A 86 -10.48 0.12 -9.73
N VAL A 87 -11.10 -1.02 -9.48
CA VAL A 87 -12.19 -1.11 -8.52
C VAL A 87 -11.74 -0.92 -7.08
N ASN A 88 -10.69 -1.63 -6.69
CA ASN A 88 -10.19 -1.55 -5.34
C ASN A 88 -9.45 -0.26 -5.00
N MET A 89 -8.45 0.08 -5.80
CA MET A 89 -7.66 1.28 -5.54
C MET A 89 -8.43 2.58 -5.80
N ASN A 90 -8.80 2.84 -7.04
CA ASN A 90 -9.50 4.08 -7.33
C ASN A 90 -10.93 4.12 -6.77
N GLY A 91 -11.55 2.97 -6.59
CA GLY A 91 -12.89 2.95 -6.02
C GLY A 91 -12.84 3.41 -4.57
N THR A 92 -11.85 2.94 -3.83
CA THR A 92 -11.70 3.33 -2.44
C THR A 92 -11.30 4.80 -2.32
N TYR A 93 -10.43 5.27 -3.21
CA TYR A 93 -10.04 6.67 -3.19
C TYR A 93 -11.28 7.53 -3.42
N ASN A 94 -12.10 7.14 -4.40
CA ASN A 94 -13.32 7.87 -4.73
C ASN A 94 -14.25 7.93 -3.52
N ILE A 95 -14.40 6.82 -2.82
CA ILE A 95 -15.27 6.78 -1.66
C ILE A 95 -14.76 7.70 -0.55
N LEU A 96 -13.46 7.62 -0.27
CA LEU A 96 -12.89 8.46 0.77
C LEU A 96 -13.03 9.95 0.46
N GLU A 97 -12.63 10.34 -0.75
CA GLU A 97 -12.71 11.74 -1.14
C GLU A 97 -14.16 12.24 -1.20
N ALA A 98 -15.07 11.38 -1.65
CA ALA A 98 -16.48 11.75 -1.72
C ALA A 98 -17.02 11.95 -0.31
N ALA A 99 -16.67 11.05 0.61
CA ALA A 99 -17.16 11.16 1.97
C ALA A 99 -16.64 12.44 2.62
N LYS A 100 -15.36 12.75 2.36
CA LYS A 100 -14.72 13.93 2.90
C LYS A 100 -15.36 15.21 2.35
N GLN A 101 -15.57 15.26 1.04
CA GLN A 101 -16.16 16.43 0.39
C GLN A 101 -17.60 16.71 0.82
N HIS A 102 -18.35 15.64 1.08
CA HIS A 102 -19.72 15.78 1.52
C HIS A 102 -19.62 15.63 3.04
N ARG A 103 -20.72 15.57 3.76
CA ARG A 103 -20.56 15.43 5.20
C ARG A 103 -20.91 14.06 5.73
N VAL A 104 -20.15 13.06 5.26
CA VAL A 104 -20.35 11.70 5.71
C VAL A 104 -19.53 11.58 6.99
N GLU A 105 -20.15 11.16 8.07
CA GLU A 105 -19.48 11.05 9.36
C GLU A 105 -18.51 9.87 9.48
N LYS A 106 -18.93 8.70 8.99
CA LYS A 106 -18.08 7.52 9.09
C LYS A 106 -17.99 6.67 7.84
N VAL A 107 -16.83 6.06 7.65
CA VAL A 107 -16.60 5.15 6.54
C VAL A 107 -15.97 3.92 7.18
N VAL A 108 -16.53 2.75 6.91
CA VAL A 108 -16.00 1.50 7.46
C VAL A 108 -15.60 0.61 6.30
N ILE A 109 -14.35 0.14 6.34
CA ILE A 109 -13.84 -0.69 5.26
C ILE A 109 -13.38 -2.05 5.74
N PRO A 110 -13.83 -3.12 5.07
CA PRO A 110 -13.42 -4.47 5.48
C PRO A 110 -12.09 -4.84 4.83
N SER A 111 -11.02 -4.87 5.60
CA SER A 111 -9.75 -5.24 5.03
C SER A 111 -9.60 -6.75 5.08
N THR A 112 -8.37 -7.24 4.94
CA THR A 112 -8.16 -8.69 4.85
C THR A 112 -6.77 -9.15 5.26
N ILE A 113 -6.64 -10.44 5.58
CA ILE A 113 -5.33 -11.00 5.91
C ILE A 113 -4.52 -10.99 4.61
N GLY A 114 -5.20 -10.64 3.51
CA GLY A 114 -4.53 -10.56 2.23
C GLY A 114 -3.48 -9.46 2.21
N VAL A 115 -3.48 -8.59 3.22
CA VAL A 115 -2.47 -7.53 3.28
C VAL A 115 -1.12 -8.09 3.72
N PHE A 116 -1.12 -9.35 4.15
CA PHE A 116 0.12 -9.98 4.61
C PHE A 116 0.83 -10.75 3.48
N GLY A 117 2.13 -10.99 3.67
CA GLY A 117 2.91 -11.71 2.68
C GLY A 117 3.82 -12.73 3.34
N PRO A 118 4.69 -13.41 2.57
CA PRO A 118 5.62 -14.42 3.07
C PRO A 118 6.45 -14.04 4.29
N GLU A 119 6.85 -12.76 4.37
CA GLU A 119 7.67 -12.28 5.48
C GLU A 119 6.90 -12.09 6.79
N THR A 120 5.58 -12.05 6.70
CA THR A 120 4.75 -11.86 7.88
C THR A 120 4.78 -13.13 8.71
N PRO A 121 5.00 -13.01 10.04
CA PRO A 121 5.04 -14.20 10.89
C PRO A 121 3.78 -15.04 10.66
N LYS A 122 3.92 -16.37 10.75
CA LYS A 122 2.81 -17.28 10.51
C LYS A 122 1.85 -17.52 11.67
N ASN A 123 2.35 -17.43 12.89
CA ASN A 123 1.52 -17.70 14.07
C ASN A 123 1.13 -16.49 14.91
N LYS A 124 -0.15 -16.44 15.28
CA LYS A 124 -0.69 -15.36 16.11
C LYS A 124 -0.13 -13.98 15.76
N VAL A 125 -0.23 -13.62 14.49
CA VAL A 125 0.27 -12.34 14.02
C VAL A 125 -0.50 -11.16 14.61
N PRO A 126 0.21 -10.15 15.14
CA PRO A 126 -0.46 -8.97 15.71
C PRO A 126 -0.80 -8.02 14.57
N SER A 127 -1.55 -6.95 14.87
CA SER A 127 -1.95 -6.01 13.84
C SER A 127 -0.84 -5.16 13.25
N ILE A 128 0.12 -4.77 14.07
CA ILE A 128 1.27 -4.00 13.58
C ILE A 128 2.34 -5.04 13.27
N THR A 129 2.58 -5.27 11.99
CA THR A 129 3.55 -6.28 11.58
C THR A 129 4.02 -6.00 10.15
N ILE A 130 4.69 -6.97 9.55
CA ILE A 130 5.17 -6.82 8.19
C ILE A 130 4.02 -6.98 7.21
N THR A 131 3.87 -6.03 6.29
CA THR A 131 2.80 -6.10 5.29
C THR A 131 3.35 -5.94 3.89
N ARG A 132 3.77 -7.05 3.30
CA ARG A 132 4.32 -7.03 1.95
C ARG A 132 3.53 -8.04 1.11
N PRO A 133 2.25 -7.74 0.86
CA PRO A 133 1.40 -8.62 0.06
C PRO A 133 1.90 -8.94 -1.34
N ARG A 134 1.61 -10.15 -1.80
CA ARG A 134 2.04 -10.59 -3.11
C ARG A 134 0.91 -10.78 -4.13
N THR A 135 -0.29 -10.30 -3.81
CA THR A 135 -1.41 -10.37 -4.75
C THR A 135 -1.88 -8.93 -4.99
N MET A 136 -2.42 -8.67 -6.18
CA MET A 136 -2.92 -7.33 -6.47
C MET A 136 -3.96 -6.97 -5.42
N PHE A 137 -4.78 -7.94 -5.07
CA PHE A 137 -5.82 -7.76 -4.05
C PHE A 137 -5.19 -7.22 -2.76
N GLY A 138 -4.17 -7.92 -2.27
CA GLY A 138 -3.51 -7.50 -1.05
C GLY A 138 -2.86 -6.13 -1.14
N VAL A 139 -2.28 -5.81 -2.30
CA VAL A 139 -1.64 -4.51 -2.48
C VAL A 139 -2.69 -3.41 -2.37
N THR A 140 -3.82 -3.60 -3.06
CA THR A 140 -4.88 -2.59 -3.00
C THR A 140 -5.48 -2.44 -1.60
N LYS A 141 -5.56 -3.54 -0.85
CA LYS A 141 -6.13 -3.49 0.50
C LYS A 141 -5.22 -2.81 1.53
N ILE A 142 -3.92 -3.05 1.45
CA ILE A 142 -3.06 -2.39 2.41
C ILE A 142 -3.05 -0.91 2.05
N ALA A 143 -3.16 -0.61 0.76
CA ALA A 143 -3.20 0.79 0.33
C ALA A 143 -4.47 1.44 0.90
N ALA A 144 -5.59 0.71 0.85
CA ALA A 144 -6.85 1.23 1.37
C ALA A 144 -6.76 1.52 2.87
N GLU A 145 -6.09 0.64 3.60
CA GLU A 145 -5.92 0.82 5.04
C GLU A 145 -5.10 2.07 5.33
N LEU A 146 -4.06 2.27 4.54
CA LEU A 146 -3.18 3.42 4.71
C LEU A 146 -3.89 4.72 4.31
N LEU A 147 -4.68 4.67 3.24
CA LEU A 147 -5.41 5.85 2.80
C LEU A 147 -6.49 6.18 3.82
N GLY A 148 -7.13 5.15 4.36
CA GLY A 148 -8.16 5.34 5.36
C GLY A 148 -7.59 6.05 6.58
N GLN A 149 -6.45 5.56 7.07
CA GLN A 149 -5.82 6.17 8.23
C GLN A 149 -5.39 7.59 7.89
N TYR A 150 -4.91 7.81 6.67
CA TYR A 150 -4.47 9.13 6.26
C TYR A 150 -5.66 10.11 6.22
N TYR A 151 -6.81 9.64 5.75
CA TYR A 151 -7.95 10.53 5.68
C TYR A 151 -8.38 10.96 7.09
N TYR A 152 -8.18 10.11 8.08
CA TYR A 152 -8.52 10.54 9.43
C TYR A 152 -7.46 11.50 9.94
N GLU A 153 -6.19 11.10 9.89
CA GLU A 153 -5.15 11.98 10.42
C GLU A 153 -5.03 13.32 9.71
N LYS A 154 -5.25 13.33 8.39
CA LYS A 154 -5.13 14.57 7.61
C LYS A 154 -6.37 15.44 7.59
N PHE A 155 -7.52 14.83 7.35
CA PHE A 155 -8.78 15.58 7.25
C PHE A 155 -9.77 15.39 8.38
N GLY A 156 -9.48 14.48 9.30
CA GLY A 156 -10.39 14.24 10.41
C GLY A 156 -11.58 13.37 10.05
N LEU A 157 -11.55 12.73 8.88
CA LEU A 157 -12.64 11.85 8.48
C LEU A 157 -12.56 10.55 9.27
N ASP A 158 -13.67 10.16 9.87
CA ASP A 158 -13.72 8.95 10.70
C ASP A 158 -13.73 7.68 9.86
N VAL A 159 -12.55 7.18 9.52
CA VAL A 159 -12.42 5.96 8.72
C VAL A 159 -11.89 4.85 9.61
N ARG A 160 -12.56 3.70 9.56
CA ARG A 160 -12.17 2.56 10.39
C ARG A 160 -12.11 1.28 9.57
N SER A 161 -11.29 0.33 9.98
CA SER A 161 -11.19 -0.91 9.23
C SER A 161 -10.66 -2.04 10.11
N LEU A 162 -11.06 -3.26 9.75
CA LEU A 162 -10.62 -4.47 10.43
C LEU A 162 -10.17 -5.40 9.31
N ARG A 163 -9.36 -6.40 9.66
CA ARG A 163 -8.88 -7.35 8.67
C ARG A 163 -9.56 -8.68 8.89
N TYR A 164 -10.45 -9.04 7.97
CA TYR A 164 -11.15 -10.31 8.08
C TYR A 164 -10.32 -11.49 7.61
N PRO A 165 -10.57 -12.65 8.21
CA PRO A 165 -9.86 -13.89 7.84
C PRO A 165 -10.86 -14.47 6.84
N GLY A 166 -10.80 -15.75 6.52
CA GLY A 166 -11.78 -16.30 5.61
C GLY A 166 -13.12 -16.30 6.32
N ILE A 167 -14.21 -15.99 5.61
CA ILE A 167 -15.53 -15.98 6.22
C ILE A 167 -16.40 -17.12 5.70
N ILE A 168 -16.99 -17.87 6.62
CA ILE A 168 -17.85 -18.99 6.28
C ILE A 168 -19.30 -18.54 6.43
N SER A 169 -20.12 -18.83 5.42
CA SER A 169 -21.52 -18.44 5.44
C SER A 169 -22.35 -19.38 4.57
N TYR A 170 -23.68 -19.28 4.67
CA TYR A 170 -24.55 -20.15 3.87
C TYR A 170 -25.60 -19.38 3.08
N LYS A 171 -25.84 -18.12 3.44
CA LYS A 171 -26.86 -17.35 2.74
C LYS A 171 -26.43 -16.93 1.33
N ALA A 172 -25.16 -16.56 1.19
CA ALA A 172 -24.64 -16.18 -0.11
C ALA A 172 -23.59 -17.20 -0.51
N GLU A 173 -23.46 -17.43 -1.81
CA GLU A 173 -22.50 -18.40 -2.32
C GLU A 173 -21.27 -17.70 -2.88
N PRO A 174 -20.13 -17.75 -2.15
CA PRO A 174 -18.87 -17.12 -2.55
C PRO A 174 -18.30 -17.74 -3.82
N THR A 175 -17.67 -16.93 -4.66
CA THR A 175 -17.13 -17.43 -5.93
C THR A 175 -15.74 -16.95 -6.36
N ALA A 176 -15.42 -15.69 -6.08
CA ALA A 176 -14.13 -15.14 -6.50
C ALA A 176 -13.03 -15.08 -5.44
N GLY A 177 -13.09 -15.97 -4.45
CA GLY A 177 -12.10 -15.98 -3.39
C GLY A 177 -11.19 -17.19 -3.30
N THR A 178 -10.33 -17.18 -2.28
CA THR A 178 -9.36 -18.24 -2.03
C THR A 178 -9.77 -19.10 -0.84
N THR A 179 -10.56 -18.54 0.07
CA THR A 179 -10.99 -19.26 1.25
C THR A 179 -12.37 -19.91 1.06
N ASP A 180 -12.92 -19.82 -0.15
CA ASP A 180 -14.24 -20.36 -0.46
C ASP A 180 -14.43 -21.86 -0.22
N TYR A 181 -13.35 -22.63 -0.24
CA TYR A 181 -13.46 -24.06 -0.03
C TYR A 181 -14.14 -24.39 1.29
N ALA A 182 -13.90 -23.56 2.30
CA ALA A 182 -14.48 -23.76 3.62
C ALA A 182 -16.00 -23.71 3.56
N VAL A 183 -16.54 -23.16 2.47
CA VAL A 183 -17.99 -23.10 2.30
C VAL A 183 -18.40 -24.24 1.38
N GLU A 184 -17.75 -24.33 0.22
CA GLU A 184 -18.05 -25.36 -0.77
C GLU A 184 -18.10 -26.77 -0.19
N ILE A 185 -17.11 -27.08 0.65
CA ILE A 185 -17.02 -28.41 1.25
C ILE A 185 -18.34 -28.87 1.90
N PHE A 186 -19.04 -27.95 2.55
CA PHE A 186 -20.30 -28.29 3.21
C PHE A 186 -21.38 -28.74 2.24
N TYR A 187 -21.40 -28.16 1.04
CA TYR A 187 -22.41 -28.55 0.06
C TYR A 187 -22.17 -29.98 -0.39
N TYR A 188 -20.91 -30.34 -0.58
CA TYR A 188 -20.56 -31.71 -1.00
C TYR A 188 -20.81 -32.69 0.12
N ALA A 189 -20.51 -32.27 1.35
CA ALA A 189 -20.71 -33.12 2.51
C ALA A 189 -22.17 -33.48 2.67
N VAL A 190 -23.04 -32.47 2.62
CA VAL A 190 -24.47 -32.67 2.76
C VAL A 190 -25.04 -33.56 1.65
N LYS A 191 -24.41 -33.52 0.47
CA LYS A 191 -24.87 -34.34 -0.65
C LYS A 191 -24.10 -35.65 -0.74
N ARG A 192 -23.24 -35.90 0.24
CA ARG A 192 -22.43 -37.11 0.26
C ARG A 192 -21.66 -37.32 -1.05
N GLU A 193 -21.04 -36.25 -1.54
CA GLU A 193 -20.25 -36.29 -2.77
C GLU A 193 -18.79 -36.05 -2.46
N LYS A 194 -17.90 -36.61 -3.29
CA LYS A 194 -16.47 -36.41 -3.10
C LYS A 194 -16.12 -34.97 -3.44
N TYR A 195 -15.47 -34.29 -2.50
CA TYR A 195 -15.10 -32.89 -2.73
C TYR A 195 -13.68 -32.73 -3.24
N LYS A 196 -13.52 -31.97 -4.32
CA LYS A 196 -12.20 -31.71 -4.88
C LYS A 196 -11.73 -30.39 -4.28
N CYS A 197 -10.81 -30.48 -3.33
CA CYS A 197 -10.27 -29.31 -2.65
C CYS A 197 -9.07 -28.74 -3.41
N TYR A 198 -9.06 -27.42 -3.60
CA TYR A 198 -7.98 -26.77 -4.34
C TYR A 198 -6.84 -26.24 -3.47
N LEU A 199 -6.94 -26.42 -2.16
CA LEU A 199 -5.88 -26.00 -1.25
C LEU A 199 -5.20 -27.25 -0.72
N ALA A 200 -3.93 -27.14 -0.33
CA ALA A 200 -3.18 -28.27 0.19
C ALA A 200 -3.86 -28.78 1.46
N PRO A 201 -3.82 -30.10 1.69
CA PRO A 201 -4.46 -30.66 2.88
C PRO A 201 -4.02 -30.03 4.21
N ASN A 202 -2.79 -29.50 4.25
CA ASN A 202 -2.28 -28.90 5.48
C ASN A 202 -2.19 -27.37 5.43
N ARG A 203 -2.92 -26.75 4.53
CA ARG A 203 -2.89 -25.30 4.38
C ARG A 203 -3.72 -24.64 5.48
N ALA A 204 -3.08 -24.27 6.58
CA ALA A 204 -3.77 -23.65 7.71
C ALA A 204 -4.08 -22.19 7.45
N LEU A 205 -5.30 -21.78 7.79
CA LEU A 205 -5.74 -20.41 7.60
C LEU A 205 -6.70 -19.97 8.69
N PRO A 206 -6.73 -18.67 9.00
CA PRO A 206 -7.63 -18.15 10.02
C PRO A 206 -9.01 -18.01 9.36
N MET A 207 -10.06 -18.29 10.12
CA MET A 207 -11.42 -18.24 9.61
C MET A 207 -12.39 -17.76 10.70
N MET A 208 -13.61 -17.45 10.29
CA MET A 208 -14.64 -17.04 11.23
C MET A 208 -16.00 -17.17 10.55
N TYR A 209 -17.04 -17.33 11.35
CA TYR A 209 -18.40 -17.51 10.86
C TYR A 209 -19.09 -16.15 10.61
N MET A 210 -19.90 -16.07 9.56
CA MET A 210 -20.58 -14.83 9.18
C MET A 210 -21.25 -14.05 10.33
N PRO A 211 -22.03 -14.72 11.18
CA PRO A 211 -22.68 -14.01 12.29
C PRO A 211 -21.69 -13.15 13.10
N ASP A 212 -20.51 -13.72 13.37
CA ASP A 212 -19.50 -13.00 14.12
C ASP A 212 -18.84 -11.92 13.26
N ALA A 213 -18.74 -12.17 11.96
CA ALA A 213 -18.13 -11.21 11.03
C ALA A 213 -19.00 -9.96 10.92
N LEU A 214 -20.31 -10.18 10.90
CA LEU A 214 -21.26 -9.07 10.82
C LEU A 214 -21.23 -8.27 12.11
N LYS A 215 -21.30 -8.96 13.23
CA LYS A 215 -21.27 -8.32 14.54
C LYS A 215 -19.99 -7.50 14.71
N ALA A 216 -18.87 -8.04 14.26
CA ALA A 216 -17.59 -7.36 14.36
C ALA A 216 -17.56 -6.06 13.56
N LEU A 217 -18.05 -6.10 12.32
CA LEU A 217 -18.05 -4.90 11.49
C LEU A 217 -18.94 -3.80 12.08
N VAL A 218 -20.11 -4.19 12.61
CA VAL A 218 -21.02 -3.21 13.18
C VAL A 218 -20.51 -2.72 14.53
N ASP A 219 -19.84 -3.59 15.28
CA ASP A 219 -19.29 -3.19 16.57
C ASP A 219 -18.20 -2.14 16.35
N LEU A 220 -17.41 -2.31 15.29
CA LEU A 220 -16.35 -1.37 14.97
C LEU A 220 -16.98 -0.02 14.57
N TYR A 221 -18.04 -0.11 13.77
CA TYR A 221 -18.75 1.09 13.32
C TYR A 221 -19.29 1.87 14.53
N GLU A 222 -19.84 1.16 15.52
CA GLU A 222 -20.41 1.82 16.70
C GLU A 222 -19.44 2.14 17.82
N ALA A 223 -18.19 1.69 17.70
CA ALA A 223 -17.20 1.89 18.74
C ALA A 223 -16.96 3.33 19.19
N ASP A 224 -16.69 3.50 20.48
CA ASP A 224 -16.41 4.81 21.04
C ASP A 224 -15.09 5.29 20.44
N ARG A 225 -15.06 6.55 20.03
CA ARG A 225 -13.87 7.13 19.44
C ARG A 225 -12.69 7.23 20.38
N ASP A 226 -12.97 7.44 21.66
CA ASP A 226 -11.89 7.61 22.64
C ASP A 226 -11.00 6.40 22.88
N LYS A 227 -11.41 5.23 22.39
CA LYS A 227 -10.61 4.02 22.57
C LYS A 227 -10.04 3.47 21.27
N LEU A 228 -10.35 4.11 20.14
CA LEU A 228 -9.86 3.68 18.84
C LEU A 228 -8.46 4.17 18.51
N VAL A 229 -7.46 3.49 19.05
CA VAL A 229 -6.07 3.87 18.85
C VAL A 229 -5.53 3.38 17.51
N LEU A 230 -5.60 2.07 17.27
CA LEU A 230 -5.10 1.50 16.02
C LEU A 230 -5.96 2.06 14.88
N ARG A 231 -7.27 2.04 15.09
CA ARG A 231 -8.26 2.58 14.14
C ARG A 231 -8.42 1.83 12.82
N ASN A 232 -7.32 1.55 12.14
CA ASN A 232 -7.37 0.84 10.86
C ASN A 232 -6.44 -0.36 10.91
N GLY A 233 -6.90 -1.49 10.38
CA GLY A 233 -6.08 -2.69 10.34
C GLY A 233 -6.20 -3.68 11.48
N TYR A 234 -7.31 -3.65 12.22
CA TYR A 234 -7.52 -4.58 13.34
C TYR A 234 -7.63 -6.03 12.87
N ASN A 235 -6.76 -6.89 13.37
CA ASN A 235 -6.83 -8.31 13.01
C ASN A 235 -8.03 -8.91 13.77
N VAL A 236 -8.86 -9.67 13.07
CA VAL A 236 -9.96 -10.36 13.75
C VAL A 236 -9.98 -11.80 13.23
N THR A 237 -10.33 -12.73 14.12
CA THR A 237 -10.38 -14.13 13.74
C THR A 237 -11.20 -14.88 14.79
N ALA A 238 -11.52 -16.14 14.49
CA ALA A 238 -12.27 -16.96 15.44
C ALA A 238 -11.52 -18.25 15.69
N TYR A 239 -10.88 -18.77 14.64
CA TYR A 239 -10.14 -20.02 14.74
C TYR A 239 -9.32 -20.29 13.50
N THR A 240 -8.41 -21.26 13.59
CA THR A 240 -7.57 -21.64 12.46
C THR A 240 -7.64 -23.14 12.21
N PHE A 241 -7.74 -23.52 10.93
CA PHE A 241 -7.78 -24.92 10.57
C PHE A 241 -7.25 -25.15 9.16
N THR A 242 -6.97 -26.41 8.85
CA THR A 242 -6.47 -26.81 7.53
C THR A 242 -7.63 -27.55 6.87
N PRO A 243 -7.57 -27.74 5.55
CA PRO A 243 -8.66 -28.44 4.86
C PRO A 243 -8.86 -29.86 5.42
N SER A 244 -7.76 -30.55 5.72
CA SER A 244 -7.85 -31.91 6.25
C SER A 244 -8.51 -31.96 7.63
N GLU A 245 -8.32 -30.92 8.43
CA GLU A 245 -8.91 -30.87 9.75
C GLU A 245 -10.40 -30.59 9.64
N LEU A 246 -10.77 -29.64 8.78
CA LEU A 246 -12.19 -29.32 8.60
C LEU A 246 -12.92 -30.53 8.06
N TYR A 247 -12.29 -31.21 7.09
CA TYR A 247 -12.88 -32.41 6.50
C TYR A 247 -13.11 -33.44 7.60
N SER A 248 -12.09 -33.64 8.42
CA SER A 248 -12.16 -34.60 9.52
C SER A 248 -13.31 -34.31 10.47
N LYS A 249 -13.49 -33.04 10.80
CA LYS A 249 -14.54 -32.63 11.71
C LYS A 249 -15.94 -32.79 11.10
N ILE A 250 -16.08 -32.44 9.83
CA ILE A 250 -17.37 -32.57 9.15
C ILE A 250 -17.73 -34.05 9.11
N LYS A 251 -16.72 -34.89 8.90
CA LYS A 251 -16.91 -36.33 8.83
C LYS A 251 -17.50 -36.91 10.10
N GLU A 252 -17.20 -36.29 11.24
CA GLU A 252 -17.72 -36.75 12.52
C GLU A 252 -19.25 -36.68 12.51
N ARG A 253 -19.79 -35.81 11.66
CA ARG A 253 -21.24 -35.64 11.54
C ARG A 253 -21.77 -36.43 10.34
N ILE A 254 -21.07 -36.31 9.21
CA ILE A 254 -21.46 -36.98 7.97
C ILE A 254 -20.30 -37.85 7.50
N PRO A 255 -20.26 -39.12 7.91
CA PRO A 255 -19.17 -40.03 7.51
C PRO A 255 -19.13 -40.52 6.06
N GLU A 256 -20.27 -40.46 5.37
CA GLU A 256 -20.34 -40.95 3.99
C GLU A 256 -19.86 -40.00 2.90
N PHE A 257 -18.83 -39.21 3.17
CA PHE A 257 -18.35 -38.29 2.15
C PHE A 257 -16.83 -38.29 2.16
N GLU A 258 -16.23 -38.02 1.01
CA GLU A 258 -14.78 -38.02 0.89
C GLU A 258 -14.19 -36.76 0.28
N ILE A 259 -12.87 -36.70 0.24
CA ILE A 259 -12.18 -35.53 -0.29
C ILE A 259 -10.89 -35.92 -1.02
N GLU A 260 -10.56 -35.15 -2.04
CA GLU A 260 -9.34 -35.38 -2.81
C GLU A 260 -8.72 -34.00 -2.96
N TYR A 261 -7.40 -33.94 -2.98
CA TYR A 261 -6.72 -32.66 -3.10
C TYR A 261 -6.08 -32.43 -4.46
N LYS A 262 -6.55 -31.39 -5.13
CA LYS A 262 -6.04 -30.99 -6.43
C LYS A 262 -5.83 -29.48 -6.37
N GLU A 263 -4.65 -29.09 -5.91
CA GLU A 263 -4.29 -27.69 -5.74
C GLU A 263 -4.14 -26.88 -7.03
N ASP A 264 -4.62 -25.63 -7.00
CA ASP A 264 -4.46 -24.74 -8.15
C ASP A 264 -3.80 -23.45 -7.67
N PHE A 265 -3.88 -22.39 -8.47
CA PHE A 265 -3.23 -21.13 -8.10
C PHE A 265 -3.64 -20.56 -6.75
N ARG A 266 -4.84 -20.90 -6.29
CA ARG A 266 -5.32 -20.40 -5.01
C ARG A 266 -4.53 -20.92 -3.81
N ASP A 267 -3.92 -22.09 -3.95
CA ASP A 267 -3.13 -22.63 -2.86
C ASP A 267 -1.83 -21.85 -2.77
N LYS A 268 -1.38 -21.33 -3.91
CA LYS A 268 -0.15 -20.53 -3.96
C LYS A 268 -0.40 -19.19 -3.27
N ILE A 269 -1.65 -18.72 -3.35
CA ILE A 269 -2.03 -17.47 -2.72
C ILE A 269 -2.10 -17.67 -1.21
N ALA A 270 -2.82 -18.70 -0.78
CA ALA A 270 -2.99 -19.00 0.63
C ALA A 270 -1.64 -19.24 1.31
N ALA A 271 -0.70 -19.82 0.57
CA ALA A 271 0.63 -20.10 1.10
C ALA A 271 1.37 -18.83 1.54
N THR A 272 1.01 -17.69 0.96
CA THR A 272 1.67 -16.44 1.31
C THR A 272 1.06 -15.76 2.54
N TRP A 273 -0.06 -16.30 3.04
CA TRP A 273 -0.73 -15.71 4.20
C TRP A 273 -0.41 -16.42 5.51
N PRO A 274 -0.62 -15.73 6.64
CA PRO A 274 -0.35 -16.31 7.96
C PRO A 274 -1.38 -17.38 8.31
N GLU A 275 -1.03 -18.24 9.26
CA GLU A 275 -1.91 -19.33 9.68
C GLU A 275 -2.93 -18.91 10.74
N SER A 276 -2.51 -18.09 11.68
CA SER A 276 -3.39 -17.62 12.74
C SER A 276 -3.13 -16.17 13.10
N LEU A 277 -4.15 -15.51 13.62
CA LEU A 277 -4.04 -14.10 14.00
C LEU A 277 -4.25 -13.87 15.48
N ASP A 278 -3.70 -12.76 15.98
CA ASP A 278 -3.88 -12.35 17.37
C ASP A 278 -4.85 -11.18 17.27
N SER A 279 -6.04 -11.35 17.82
CA SER A 279 -7.06 -10.29 17.75
C SER A 279 -7.22 -9.52 19.06
N SER A 280 -6.19 -9.52 19.90
CA SER A 280 -6.26 -8.84 21.20
C SER A 280 -6.52 -7.33 21.11
N GLU A 281 -5.96 -6.69 20.09
CA GLU A 281 -6.13 -5.26 19.92
C GLU A 281 -7.59 -4.88 19.67
N ALA A 282 -8.26 -5.66 18.84
CA ALA A 282 -9.66 -5.40 18.53
C ALA A 282 -10.52 -5.60 19.78
N SER A 283 -10.21 -6.61 20.57
CA SER A 283 -10.99 -6.85 21.77
C SER A 283 -10.73 -5.76 22.81
N ASN A 284 -9.48 -5.33 22.93
CA ASN A 284 -9.12 -4.31 23.90
C ASN A 284 -9.66 -2.93 23.54
N GLU A 285 -9.61 -2.58 22.26
CA GLU A 285 -10.03 -1.25 21.83
C GLU A 285 -11.50 -1.06 21.52
N TRP A 286 -12.21 -2.10 21.11
CA TRP A 286 -13.64 -1.96 20.85
C TRP A 286 -14.54 -3.14 21.21
N GLY A 287 -14.03 -4.04 22.06
CA GLY A 287 -14.84 -5.16 22.50
C GLY A 287 -15.09 -6.34 21.59
N PHE A 288 -14.30 -6.47 20.54
CA PHE A 288 -14.45 -7.59 19.61
C PHE A 288 -14.60 -8.91 20.36
N SER A 289 -15.56 -9.73 19.96
CA SER A 289 -15.76 -11.03 20.59
C SER A 289 -16.38 -12.05 19.62
N ILE A 290 -16.15 -13.32 19.90
CA ILE A 290 -16.67 -14.39 19.06
C ILE A 290 -17.71 -15.20 19.82
N GLU A 291 -18.80 -15.52 19.14
CA GLU A 291 -19.89 -16.30 19.74
C GLU A 291 -19.99 -17.71 19.17
N TYR A 292 -19.43 -17.92 17.98
CA TYR A 292 -19.48 -19.24 17.34
C TYR A 292 -18.11 -19.89 17.20
N ASP A 293 -17.82 -20.91 18.00
CA ASP A 293 -16.53 -21.58 17.85
C ASP A 293 -16.62 -22.50 16.65
N LEU A 294 -15.56 -23.23 16.35
CA LEU A 294 -15.57 -24.10 15.18
C LEU A 294 -16.69 -25.15 15.20
N ASP A 295 -16.85 -25.85 16.33
CA ASP A 295 -17.89 -26.85 16.41
C ASP A 295 -19.27 -26.26 16.12
N ARG A 296 -19.55 -25.10 16.72
CA ARG A 296 -20.84 -24.47 16.52
C ARG A 296 -21.09 -24.04 15.09
N THR A 297 -20.09 -23.49 14.40
CA THR A 297 -20.34 -23.09 13.02
C THR A 297 -20.44 -24.31 12.09
N ILE A 298 -19.75 -25.39 12.44
CA ILE A 298 -19.83 -26.58 11.60
C ILE A 298 -21.25 -27.16 11.67
N ASP A 299 -21.78 -27.32 12.89
CA ASP A 299 -23.11 -27.86 13.04
C ASP A 299 -24.19 -26.92 12.52
N ASP A 300 -23.92 -25.62 12.58
CA ASP A 300 -24.88 -24.64 12.09
C ASP A 300 -24.89 -24.63 10.56
N MET A 301 -23.71 -24.81 9.96
CA MET A 301 -23.60 -24.84 8.51
C MET A 301 -24.27 -26.08 7.93
N ILE A 302 -24.02 -27.23 8.56
CA ILE A 302 -24.63 -28.47 8.10
C ILE A 302 -26.14 -28.34 8.20
N ASP A 303 -26.60 -27.66 9.25
CA ASP A 303 -28.02 -27.46 9.50
C ASP A 303 -28.69 -26.70 8.36
N HIS A 304 -28.18 -25.50 8.07
CA HIS A 304 -28.73 -24.65 7.03
C HIS A 304 -28.48 -25.09 5.60
N ILE A 305 -27.33 -25.69 5.35
CA ILE A 305 -26.99 -26.17 4.01
C ILE A 305 -27.91 -27.34 3.66
N SER A 306 -28.24 -28.15 4.66
CA SER A 306 -29.11 -29.31 4.46
C SER A 306 -30.51 -28.85 4.09
N GLU A 307 -30.98 -27.80 4.75
CA GLU A 307 -32.31 -27.28 4.46
C GLU A 307 -32.31 -26.58 3.09
N LYS A 308 -31.18 -25.98 2.75
CA LYS A 308 -31.04 -25.28 1.48
C LYS A 308 -31.06 -26.24 0.29
N LEU A 309 -30.48 -27.42 0.49
CA LEU A 309 -30.42 -28.42 -0.57
C LEU A 309 -31.53 -29.47 -0.49
N GLY A 310 -32.53 -29.21 0.35
CA GLY A 310 -33.65 -30.14 0.48
C GLY A 310 -33.35 -31.49 1.08
N ILE A 311 -32.33 -31.59 1.91
CA ILE A 311 -31.99 -32.86 2.56
C ILE A 311 -32.96 -33.01 3.73
N GLU A 312 -33.24 -31.87 4.37
CA GLU A 312 -34.16 -31.78 5.50
C GLU A 312 -35.27 -30.82 5.05
N GLY A 313 -36.43 -31.37 4.74
CA GLY A 313 -37.56 -30.60 4.27
C GLY A 313 -37.92 -29.30 4.97
N LYS A 314 -38.82 -28.55 4.36
CA LYS A 314 -39.27 -27.26 4.89
C LYS A 314 -40.49 -27.41 5.80
N MET B 1 17.70 2.01 -25.27
CA MET B 1 17.11 3.36 -25.10
C MET B 1 16.54 3.49 -23.69
N ILE B 2 17.09 4.42 -22.92
CA ILE B 2 16.65 4.65 -21.55
C ILE B 2 15.80 5.91 -21.46
N LEU B 3 14.64 5.80 -20.83
CA LEU B 3 13.75 6.95 -20.65
C LEU B 3 13.77 7.34 -19.18
N VAL B 4 13.97 8.62 -18.92
CA VAL B 4 13.97 9.12 -17.55
C VAL B 4 12.76 10.02 -17.40
N THR B 5 11.90 9.74 -16.42
CA THR B 5 10.73 10.58 -16.20
C THR B 5 11.10 11.49 -15.04
N GLY B 6 10.48 12.67 -14.99
CA GLY B 6 10.80 13.61 -13.92
C GLY B 6 12.28 13.98 -13.94
N SER B 7 12.82 14.15 -15.14
CA SER B 7 14.23 14.46 -15.32
C SER B 7 14.70 15.83 -14.82
N SER B 8 13.77 16.75 -14.57
CA SER B 8 14.13 18.09 -14.12
C SER B 8 14.25 18.22 -12.60
N GLY B 9 14.02 17.12 -11.89
CA GLY B 9 14.12 17.16 -10.43
C GLY B 9 15.55 17.15 -9.91
N GLN B 10 15.69 17.04 -8.59
CA GLN B 10 17.00 17.02 -7.95
C GLN B 10 17.88 15.88 -8.46
N ILE B 11 17.30 14.69 -8.56
CA ILE B 11 18.03 13.53 -9.03
C ILE B 11 18.21 13.53 -10.54
N GLY B 12 17.11 13.73 -11.27
CA GLY B 12 17.16 13.74 -12.72
C GLY B 12 18.12 14.76 -13.31
N THR B 13 18.26 15.91 -12.66
CA THR B 13 19.15 16.95 -13.15
C THR B 13 20.55 16.39 -13.32
N GLU B 14 20.95 15.48 -12.43
CA GLU B 14 22.27 14.88 -12.48
C GLU B 14 22.30 13.48 -13.10
N LEU B 15 21.18 12.75 -12.99
CA LEU B 15 21.13 11.40 -13.53
C LEU B 15 21.18 11.35 -15.06
N VAL B 16 20.52 12.29 -15.71
CA VAL B 16 20.53 12.29 -17.17
C VAL B 16 21.95 12.33 -17.74
N PRO B 17 22.76 13.31 -17.35
CA PRO B 17 24.13 13.34 -17.89
C PRO B 17 24.97 12.16 -17.41
N TYR B 18 24.64 11.65 -16.24
CA TYR B 18 25.35 10.53 -15.64
C TYR B 18 25.16 9.29 -16.50
N LEU B 19 23.91 9.06 -16.92
CA LEU B 19 23.59 7.92 -17.76
C LEU B 19 24.20 8.09 -19.14
N ALA B 20 24.17 9.32 -19.65
CA ALA B 20 24.73 9.61 -20.97
C ALA B 20 26.21 9.26 -21.03
N GLU B 21 26.96 9.60 -19.98
CA GLU B 21 28.38 9.32 -19.92
C GLU B 21 28.65 7.82 -19.90
N LYS B 22 27.82 7.08 -19.18
CA LYS B 22 28.00 5.65 -19.04
C LYS B 22 27.44 4.79 -20.17
N TYR B 23 26.31 5.21 -20.74
CA TYR B 23 25.69 4.43 -21.81
C TYR B 23 25.58 5.11 -23.18
N GLY B 24 26.19 6.28 -23.32
CA GLY B 24 26.13 6.97 -24.59
C GLY B 24 24.98 7.95 -24.71
N LYS B 25 25.30 9.14 -25.21
CA LYS B 25 24.34 10.22 -25.39
C LYS B 25 23.10 9.85 -26.19
N LYS B 26 23.29 9.06 -27.24
CA LYS B 26 22.19 8.64 -28.11
C LYS B 26 21.22 7.65 -27.46
N ASN B 27 21.61 7.08 -26.34
CA ASN B 27 20.78 6.08 -25.67
C ASN B 27 20.00 6.56 -24.45
N VAL B 28 19.88 7.87 -24.27
CA VAL B 28 19.14 8.41 -23.14
C VAL B 28 18.12 9.46 -23.59
N ILE B 29 16.93 9.42 -23.01
CA ILE B 29 15.87 10.37 -23.33
C ILE B 29 15.36 10.96 -22.02
N ALA B 30 15.37 12.29 -21.92
CA ALA B 30 14.91 12.98 -20.73
C ALA B 30 13.46 13.44 -20.92
N SER B 31 12.66 13.39 -19.86
CA SER B 31 11.26 13.80 -19.93
C SER B 31 10.77 14.34 -18.59
N ASP B 32 9.81 15.27 -18.65
CA ASP B 32 9.25 15.88 -17.45
C ASP B 32 8.13 16.80 -17.96
N ILE B 33 7.39 17.42 -17.04
CA ILE B 33 6.33 18.35 -17.46
C ILE B 33 6.93 19.74 -17.48
N VAL B 34 8.10 19.87 -16.87
CA VAL B 34 8.82 21.14 -16.82
C VAL B 34 10.20 20.91 -17.46
N GLN B 35 10.47 21.65 -18.53
CA GLN B 35 11.74 21.48 -19.23
C GLN B 35 12.88 22.34 -18.69
N ARG B 36 14.04 21.71 -18.54
CA ARG B 36 15.25 22.37 -18.07
C ARG B 36 16.42 21.86 -18.92
N ASP B 37 17.55 22.55 -18.85
CA ASP B 37 18.72 22.18 -19.63
C ASP B 37 19.19 20.74 -19.43
N THR B 38 19.48 20.06 -20.53
CA THR B 38 19.96 18.68 -20.48
C THR B 38 21.27 18.53 -21.24
N GLY B 39 21.89 19.67 -21.55
CA GLY B 39 23.16 19.66 -22.26
C GLY B 39 23.20 18.89 -23.56
N GLY B 40 22.23 19.13 -24.44
CA GLY B 40 22.20 18.44 -25.72
C GLY B 40 21.39 17.16 -25.74
N ILE B 41 21.25 16.50 -24.59
CA ILE B 41 20.48 15.27 -24.49
C ILE B 41 19.02 15.50 -24.89
N LYS B 42 18.46 14.58 -25.68
CA LYS B 42 17.08 14.68 -26.14
C LYS B 42 16.06 14.79 -25.01
N PHE B 43 15.17 15.78 -25.11
CA PHE B 43 14.14 16.00 -24.10
C PHE B 43 12.74 16.03 -24.70
N ILE B 44 11.80 15.40 -24.02
CA ILE B 44 10.41 15.36 -24.46
C ILE B 44 9.49 15.66 -23.28
N THR B 45 8.37 16.33 -23.55
CA THR B 45 7.42 16.66 -22.48
C THR B 45 6.57 15.43 -22.22
N LEU B 46 6.50 15.01 -20.95
CA LEU B 46 5.72 13.81 -20.60
C LEU B 46 5.10 13.87 -19.21
N ASP B 47 3.77 13.87 -19.18
CA ASP B 47 3.01 13.89 -17.94
C ASP B 47 2.69 12.44 -17.61
N VAL B 48 3.34 11.87 -16.60
CA VAL B 48 3.08 10.47 -16.27
C VAL B 48 1.66 10.16 -15.83
N SER B 49 0.88 11.18 -15.49
CA SER B 49 -0.50 10.94 -15.06
C SER B 49 -1.35 10.60 -16.28
N ASN B 50 -0.80 10.79 -17.47
CA ASN B 50 -1.52 10.49 -18.70
C ASN B 50 -0.95 9.23 -19.36
N ARG B 51 -1.66 8.12 -19.16
CA ARG B 51 -1.26 6.82 -19.70
C ARG B 51 -0.96 6.85 -21.19
N ASP B 52 -1.79 7.56 -21.96
CA ASP B 52 -1.59 7.63 -23.39
C ASP B 52 -0.23 8.22 -23.76
N GLU B 53 0.18 9.28 -23.07
CA GLU B 53 1.47 9.92 -23.34
C GLU B 53 2.61 8.94 -23.15
N ILE B 54 2.53 8.12 -22.10
CA ILE B 54 3.58 7.14 -21.84
C ILE B 54 3.63 6.12 -22.97
N ASP B 55 2.48 5.56 -23.32
CA ASP B 55 2.41 4.55 -24.39
C ASP B 55 3.04 5.06 -25.68
N ARG B 56 2.70 6.28 -26.08
CA ARG B 56 3.22 6.88 -27.30
C ARG B 56 4.73 7.08 -27.25
N ALA B 57 5.22 7.60 -26.12
CA ALA B 57 6.64 7.86 -25.95
C ALA B 57 7.47 6.56 -25.99
N VAL B 58 6.98 5.54 -25.30
CA VAL B 58 7.67 4.25 -25.25
C VAL B 58 7.74 3.62 -26.63
N GLU B 59 6.65 3.76 -27.38
CA GLU B 59 6.58 3.21 -28.74
C GLU B 59 7.46 3.97 -29.72
N LYS B 60 7.35 5.30 -29.69
CA LYS B 60 8.10 6.17 -30.57
C LYS B 60 9.62 6.14 -30.41
N TYR B 61 10.10 5.95 -29.19
CA TYR B 61 11.52 5.95 -28.93
C TYR B 61 12.14 4.59 -28.61
N SER B 62 11.35 3.53 -28.78
CA SER B 62 11.82 2.17 -28.51
C SER B 62 12.52 2.09 -27.15
N ILE B 63 11.82 2.55 -26.12
CA ILE B 63 12.34 2.55 -24.76
C ILE B 63 12.55 1.13 -24.25
N ASP B 64 13.76 0.86 -23.77
CA ASP B 64 14.12 -0.46 -23.25
C ASP B 64 14.18 -0.47 -21.72
N ALA B 65 14.44 0.68 -21.13
CA ALA B 65 14.51 0.79 -19.68
C ALA B 65 13.97 2.14 -19.23
N ILE B 66 13.39 2.17 -18.04
CA ILE B 66 12.83 3.41 -17.52
C ILE B 66 13.28 3.69 -16.09
N PHE B 67 13.80 4.90 -15.87
CA PHE B 67 14.17 5.36 -14.54
C PHE B 67 13.02 6.30 -14.25
N HIS B 68 12.07 5.83 -13.43
CA HIS B 68 10.88 6.58 -13.10
C HIS B 68 11.09 7.48 -11.89
N LEU B 69 11.43 8.75 -12.16
CA LEU B 69 11.69 9.71 -11.09
C LEU B 69 10.55 10.71 -10.87
N ALA B 70 9.58 10.73 -11.79
CA ALA B 70 8.47 11.66 -11.65
C ALA B 70 7.67 11.47 -10.36
N GLY B 71 7.32 12.57 -9.71
CA GLY B 71 6.55 12.45 -8.49
C GLY B 71 6.53 13.68 -7.60
N ILE B 72 5.58 13.69 -6.69
CA ILE B 72 5.42 14.77 -5.71
C ILE B 72 6.03 14.23 -4.42
N LEU B 73 6.83 15.04 -3.75
CA LEU B 73 7.50 14.59 -2.51
C LEU B 73 6.69 14.81 -1.24
N SER B 74 7.28 14.49 -0.09
CA SER B 74 6.57 14.60 1.18
C SER B 74 5.93 15.95 1.53
N ALA B 75 6.71 17.02 1.49
CA ALA B 75 6.19 18.33 1.84
C ALA B 75 5.06 18.81 0.92
N LYS B 76 5.30 18.80 -0.38
CA LYS B 76 4.28 19.23 -1.33
C LYS B 76 3.07 18.30 -1.24
N GLY B 77 3.33 17.03 -0.94
CA GLY B 77 2.26 16.07 -0.83
C GLY B 77 1.29 16.43 0.27
N GLU B 78 1.80 16.97 1.38
CA GLU B 78 0.92 17.34 2.47
C GLU B 78 0.16 18.62 2.17
N LYS B 79 0.72 19.46 1.31
CA LYS B 79 0.04 20.70 0.93
C LYS B 79 -1.05 20.41 -0.09
N ASP B 80 -0.86 19.37 -0.90
CA ASP B 80 -1.82 18.99 -1.94
C ASP B 80 -1.84 17.46 -2.13
N PRO B 81 -2.45 16.72 -1.19
CA PRO B 81 -2.54 15.27 -1.23
C PRO B 81 -3.13 14.72 -2.53
N ALA B 82 -4.16 15.39 -3.04
CA ALA B 82 -4.80 14.96 -4.28
C ALA B 82 -3.81 14.95 -5.45
N LEU B 83 -2.94 15.95 -5.48
CA LEU B 83 -1.94 16.04 -6.55
C LEU B 83 -0.94 14.91 -6.39
N ALA B 84 -0.53 14.65 -5.15
CA ALA B 84 0.43 13.59 -4.88
C ALA B 84 -0.13 12.23 -5.30
N TYR B 85 -1.42 12.02 -5.03
CA TYR B 85 -2.04 10.76 -5.39
C TYR B 85 -2.13 10.60 -6.90
N LYS B 86 -2.60 11.64 -7.56
CA LYS B 86 -2.73 11.64 -9.02
C LYS B 86 -1.39 11.36 -9.68
N VAL B 87 -0.38 12.16 -9.34
CA VAL B 87 0.95 12.00 -9.92
C VAL B 87 1.69 10.73 -9.48
N ASN B 88 1.72 10.47 -8.18
CA ASN B 88 2.43 9.31 -7.66
C ASN B 88 1.71 7.97 -7.85
N MET B 89 0.47 7.88 -7.41
CA MET B 89 -0.27 6.63 -7.54
C MET B 89 -0.64 6.34 -8.99
N ASN B 90 -1.41 7.23 -9.60
CA ASN B 90 -1.82 7.05 -11.00
C ASN B 90 -0.60 6.98 -11.92
N GLY B 91 0.34 7.91 -11.72
CA GLY B 91 1.54 7.96 -12.55
C GLY B 91 2.38 6.70 -12.56
N THR B 92 2.62 6.14 -11.37
CA THR B 92 3.41 4.93 -11.28
C THR B 92 2.66 3.73 -11.84
N TYR B 93 1.35 3.67 -11.58
CA TYR B 93 0.57 2.56 -12.12
C TYR B 93 0.65 2.62 -13.64
N ASN B 94 0.49 3.82 -14.19
CA ASN B 94 0.55 4.03 -15.65
C ASN B 94 1.91 3.56 -16.19
N ILE B 95 2.98 3.93 -15.51
CA ILE B 95 4.32 3.55 -15.94
C ILE B 95 4.47 2.03 -15.97
N LEU B 96 4.05 1.37 -14.91
CA LEU B 96 4.15 -0.08 -14.83
C LEU B 96 3.30 -0.79 -15.89
N GLU B 97 2.06 -0.35 -16.04
CA GLU B 97 1.16 -0.95 -17.01
C GLU B 97 1.68 -0.72 -18.43
N ALA B 98 2.14 0.49 -18.71
CA ALA B 98 2.68 0.82 -20.03
C ALA B 98 3.93 0.00 -20.31
N ALA B 99 4.78 -0.14 -19.30
CA ALA B 99 6.02 -0.91 -19.45
C ALA B 99 5.71 -2.38 -19.63
N LYS B 100 4.66 -2.85 -18.96
CA LYS B 100 4.28 -4.26 -19.05
C LYS B 100 3.79 -4.60 -20.45
N GLN B 101 2.78 -3.87 -20.92
CA GLN B 101 2.24 -4.11 -22.25
C GLN B 101 3.32 -3.89 -23.31
N HIS B 102 3.67 -2.63 -23.55
CA HIS B 102 4.71 -2.32 -24.52
C HIS B 102 5.94 -3.08 -24.07
N ARG B 103 6.84 -3.36 -25.01
CA ARG B 103 8.04 -4.13 -24.72
C ARG B 103 9.15 -3.46 -23.88
N VAL B 104 8.78 -2.86 -22.76
CA VAL B 104 9.78 -2.24 -21.88
C VAL B 104 10.43 -3.41 -21.16
N GLU B 105 11.73 -3.30 -20.87
CA GLU B 105 12.47 -4.38 -20.24
C GLU B 105 12.96 -4.18 -18.80
N LYS B 106 13.17 -2.94 -18.39
CA LYS B 106 13.63 -2.64 -17.03
C LYS B 106 13.03 -1.35 -16.50
N VAL B 107 12.71 -1.34 -15.21
CA VAL B 107 12.13 -0.16 -14.58
C VAL B 107 12.75 0.04 -13.20
N VAL B 108 13.36 1.20 -12.98
CA VAL B 108 13.98 1.50 -11.69
C VAL B 108 13.20 2.64 -11.06
N ILE B 109 12.78 2.44 -9.82
CA ILE B 109 12.00 3.44 -9.10
C ILE B 109 12.67 3.85 -7.80
N PRO B 110 12.92 5.15 -7.61
CA PRO B 110 13.54 5.60 -6.37
C PRO B 110 12.50 5.66 -5.27
N SER B 111 12.59 4.76 -4.30
CA SER B 111 11.64 4.78 -3.21
C SER B 111 12.18 5.73 -2.14
N THR B 112 11.62 5.65 -0.94
CA THR B 112 11.99 6.60 0.10
C THR B 112 11.80 6.11 1.53
N ILE B 113 12.49 6.74 2.47
CA ILE B 113 12.33 6.38 3.86
C ILE B 113 10.93 6.86 4.27
N GLY B 114 10.28 7.57 3.36
CA GLY B 114 8.93 8.04 3.61
C GLY B 114 7.92 6.91 3.70
N VAL B 115 8.31 5.69 3.35
CA VAL B 115 7.39 4.56 3.44
C VAL B 115 7.30 4.07 4.89
N PHE B 116 8.12 4.63 5.76
CA PHE B 116 8.12 4.24 7.17
C PHE B 116 7.21 5.15 7.97
N GLY B 117 6.84 4.71 9.17
CA GLY B 117 5.97 5.49 10.03
C GLY B 117 6.40 5.37 11.48
N PRO B 118 5.63 5.95 12.43
CA PRO B 118 5.96 5.92 13.85
C PRO B 118 6.29 4.55 14.44
N GLU B 119 5.64 3.50 13.94
CA GLU B 119 5.86 2.15 14.45
C GLU B 119 7.16 1.51 13.98
N THR B 120 7.76 2.09 12.94
CA THR B 120 9.00 1.55 12.40
C THR B 120 10.14 1.84 13.37
N PRO B 121 10.95 0.81 13.69
CA PRO B 121 12.07 1.02 14.62
C PRO B 121 12.89 2.22 14.16
N LYS B 122 13.42 2.98 15.12
CA LYS B 122 14.20 4.18 14.78
C LYS B 122 15.67 3.97 14.45
N ASN B 123 16.25 2.88 14.91
CA ASN B 123 17.68 2.65 14.67
C ASN B 123 18.05 1.41 13.90
N LYS B 124 18.94 1.57 12.92
CA LYS B 124 19.41 0.46 12.10
C LYS B 124 18.27 -0.40 11.60
N VAL B 125 17.30 0.23 10.95
CA VAL B 125 16.14 -0.46 10.44
C VAL B 125 16.47 -1.29 9.20
N PRO B 126 16.09 -2.58 9.21
CA PRO B 126 16.34 -3.46 8.07
C PRO B 126 15.29 -3.14 7.00
N SER B 127 15.47 -3.68 5.79
CA SER B 127 14.52 -3.40 4.71
C SER B 127 13.14 -4.03 4.93
N ILE B 128 13.12 -5.22 5.52
CA ILE B 128 11.85 -5.87 5.81
C ILE B 128 11.47 -5.43 7.22
N THR B 129 10.49 -4.52 7.31
CA THR B 129 10.09 -4.00 8.59
C THR B 129 8.66 -3.45 8.52
N ILE B 130 8.25 -2.73 9.57
CA ILE B 130 6.91 -2.15 9.59
C ILE B 130 6.88 -0.96 8.62
N THR B 131 5.87 -0.92 7.76
CA THR B 131 5.76 0.18 6.80
C THR B 131 4.34 0.74 6.83
N ARG B 132 4.09 1.64 7.77
CA ARG B 132 2.77 2.27 7.90
C ARG B 132 2.96 3.78 7.77
N PRO B 133 3.26 4.27 6.56
CA PRO B 133 3.46 5.70 6.29
C PRO B 133 2.28 6.56 6.70
N ARG B 134 2.57 7.79 7.13
CA ARG B 134 1.53 8.71 7.58
C ARG B 134 1.37 9.93 6.69
N THR B 135 2.08 9.95 5.56
CA THR B 135 1.99 11.05 4.59
C THR B 135 1.44 10.47 3.28
N MET B 136 0.76 11.30 2.48
CA MET B 136 0.23 10.79 1.21
C MET B 136 1.40 10.29 0.36
N PHE B 137 2.50 11.04 0.37
CA PHE B 137 3.70 10.67 -0.36
C PHE B 137 4.13 9.26 0.03
N GLY B 138 4.26 9.03 1.34
CA GLY B 138 4.67 7.71 1.81
C GLY B 138 3.71 6.60 1.42
N VAL B 139 2.42 6.91 1.46
CA VAL B 139 1.41 5.92 1.09
C VAL B 139 1.57 5.55 -0.37
N THR B 140 1.76 6.54 -1.23
CA THR B 140 1.90 6.26 -2.65
C THR B 140 3.18 5.51 -2.95
N LYS B 141 4.23 5.77 -2.15
CA LYS B 141 5.50 5.11 -2.37
C LYS B 141 5.55 3.66 -1.92
N ILE B 142 4.91 3.33 -0.80
CA ILE B 142 4.92 1.93 -0.38
C ILE B 142 4.08 1.16 -1.41
N ALA B 143 3.02 1.78 -1.92
CA ALA B 143 2.19 1.14 -2.93
C ALA B 143 3.05 0.91 -4.18
N ALA B 144 3.93 1.86 -4.49
CA ALA B 144 4.80 1.75 -5.65
C ALA B 144 5.72 0.54 -5.51
N GLU B 145 6.32 0.37 -4.34
CA GLU B 145 7.20 -0.77 -4.09
C GLU B 145 6.48 -2.10 -4.23
N LEU B 146 5.25 -2.14 -3.72
CA LEU B 146 4.45 -3.37 -3.76
C LEU B 146 3.98 -3.70 -5.17
N LEU B 147 3.58 -2.68 -5.92
CA LEU B 147 3.12 -2.90 -7.29
C LEU B 147 4.32 -3.33 -8.12
N GLY B 148 5.46 -2.72 -7.85
CA GLY B 148 6.68 -3.06 -8.58
C GLY B 148 7.02 -4.52 -8.40
N GLN B 149 7.02 -4.98 -7.15
CA GLN B 149 7.33 -6.37 -6.86
C GLN B 149 6.27 -7.26 -7.49
N TYR B 150 5.01 -6.82 -7.43
CA TYR B 150 3.93 -7.60 -8.01
C TYR B 150 4.14 -7.79 -9.51
N TYR B 151 4.43 -6.71 -10.22
CA TYR B 151 4.63 -6.82 -11.66
C TYR B 151 5.78 -7.76 -12.00
N TYR B 152 6.79 -7.81 -11.14
CA TYR B 152 7.91 -8.71 -11.39
C TYR B 152 7.48 -10.15 -11.19
N GLU B 153 6.83 -10.44 -10.06
CA GLU B 153 6.41 -11.81 -9.77
C GLU B 153 5.30 -12.31 -10.68
N LYS B 154 4.40 -11.41 -11.06
CA LYS B 154 3.26 -11.74 -11.91
C LYS B 154 3.53 -11.77 -13.41
N PHE B 155 4.12 -10.69 -13.93
CA PHE B 155 4.40 -10.58 -15.37
C PHE B 155 5.86 -10.69 -15.78
N GLY B 156 6.75 -10.79 -14.81
CA GLY B 156 8.17 -10.87 -15.12
C GLY B 156 8.79 -9.54 -15.50
N LEU B 157 8.09 -8.45 -15.23
CA LEU B 157 8.63 -7.13 -15.54
C LEU B 157 9.73 -6.86 -14.52
N ASP B 158 10.92 -6.53 -15.02
CA ASP B 158 12.08 -6.30 -14.16
C ASP B 158 12.03 -4.95 -13.44
N VAL B 159 11.24 -4.86 -12.38
CA VAL B 159 11.11 -3.63 -11.61
C VAL B 159 11.98 -3.71 -10.36
N ARG B 160 12.83 -2.70 -10.17
CA ARG B 160 13.72 -2.66 -9.01
C ARG B 160 13.58 -1.30 -8.33
N SER B 161 13.83 -1.26 -7.02
CA SER B 161 13.72 -0.01 -6.29
C SER B 161 14.51 0.01 -4.99
N LEU B 162 15.01 1.19 -4.63
CA LEU B 162 15.75 1.37 -3.39
C LEU B 162 15.12 2.53 -2.66
N ARG B 163 15.29 2.56 -1.35
CA ARG B 163 14.73 3.62 -0.52
C ARG B 163 15.78 4.66 -0.18
N TYR B 164 15.70 5.82 -0.81
CA TYR B 164 16.66 6.87 -0.53
C TYR B 164 16.32 7.62 0.75
N PRO B 165 17.36 8.10 1.45
CA PRO B 165 17.18 8.86 2.69
C PRO B 165 17.18 10.28 2.13
N GLY B 166 17.50 11.28 2.94
CA GLY B 166 17.55 12.62 2.38
C GLY B 166 18.78 12.70 1.50
N ILE B 167 18.68 13.39 0.36
CA ILE B 167 19.85 13.49 -0.52
C ILE B 167 20.38 14.92 -0.57
N ILE B 168 21.69 15.05 -0.36
CA ILE B 168 22.36 16.34 -0.37
C ILE B 168 23.00 16.51 -1.76
N SER B 169 22.80 17.66 -2.38
CA SER B 169 23.37 17.94 -3.70
C SER B 169 23.49 19.45 -3.91
N TYR B 170 24.24 19.85 -4.93
CA TYR B 170 24.44 21.26 -5.22
C TYR B 170 24.08 21.67 -6.65
N LYS B 171 24.01 20.71 -7.56
CA LYS B 171 23.70 21.03 -8.95
C LYS B 171 22.26 21.47 -9.18
N ALA B 172 21.33 20.87 -8.46
CA ALA B 172 19.92 21.23 -8.58
C ALA B 172 19.55 22.07 -7.36
N GLU B 173 18.75 23.11 -7.57
CA GLU B 173 18.33 23.98 -6.48
C GLU B 173 17.31 23.27 -5.60
N PRO B 174 17.40 23.44 -4.26
CA PRO B 174 16.45 22.80 -3.36
C PRO B 174 15.04 23.28 -3.64
N THR B 175 14.04 22.50 -3.22
CA THR B 175 12.66 22.86 -3.46
C THR B 175 11.78 22.81 -2.21
N ALA B 176 12.32 23.32 -1.10
CA ALA B 176 11.63 23.40 0.18
C ALA B 176 11.15 22.05 0.71
N GLY B 177 11.78 20.98 0.26
CA GLY B 177 11.41 19.65 0.70
C GLY B 177 11.75 19.41 2.16
N THR B 178 11.12 18.40 2.76
CA THR B 178 11.35 18.08 4.15
C THR B 178 12.84 17.94 4.51
N THR B 179 13.63 17.29 3.66
CA THR B 179 15.04 17.12 3.95
C THR B 179 15.94 18.14 3.26
N ASP B 180 15.33 19.06 2.51
CA ASP B 180 16.12 20.07 1.79
C ASP B 180 16.84 21.09 2.68
N TYR B 181 16.55 21.09 3.97
CA TYR B 181 17.22 22.03 4.86
C TYR B 181 18.71 21.71 4.81
N ALA B 182 19.02 20.44 4.53
CA ALA B 182 20.41 19.97 4.48
C ALA B 182 21.15 20.50 3.27
N VAL B 183 20.41 21.12 2.36
CA VAL B 183 21.02 21.72 1.17
C VAL B 183 21.00 23.24 1.36
N GLU B 184 19.85 23.77 1.75
CA GLU B 184 19.69 25.21 1.97
C GLU B 184 20.73 25.74 2.95
N ILE B 185 20.95 24.99 4.02
CA ILE B 185 21.88 25.39 5.06
C ILE B 185 23.25 25.79 4.51
N PHE B 186 23.72 25.09 3.49
CA PHE B 186 25.00 25.40 2.88
C PHE B 186 25.00 26.73 2.16
N TYR B 187 23.91 27.06 1.49
CA TYR B 187 23.82 28.33 0.77
C TYR B 187 23.91 29.50 1.76
N TYR B 188 23.26 29.36 2.91
CA TYR B 188 23.32 30.41 3.92
C TYR B 188 24.70 30.50 4.55
N ALA B 189 25.32 29.34 4.78
CA ALA B 189 26.65 29.33 5.41
C ALA B 189 27.70 30.03 4.56
N VAL B 190 27.74 29.69 3.27
CA VAL B 190 28.71 30.29 2.36
C VAL B 190 28.51 31.81 2.29
N LYS B 191 27.27 32.25 2.48
CA LYS B 191 26.98 33.69 2.45
C LYS B 191 27.12 34.30 3.85
N ARG B 192 27.48 33.47 4.83
CA ARG B 192 27.64 33.91 6.21
C ARG B 192 26.35 34.52 6.77
N GLU B 193 25.22 34.02 6.29
CA GLU B 193 23.91 34.48 6.73
C GLU B 193 23.30 33.52 7.73
N LYS B 194 22.57 34.05 8.71
CA LYS B 194 21.93 33.20 9.70
C LYS B 194 20.87 32.36 9.01
N TYR B 195 20.86 31.06 9.28
CA TYR B 195 19.89 30.17 8.66
C TYR B 195 18.70 29.86 9.56
N LYS B 196 17.50 29.85 8.98
CA LYS B 196 16.29 29.53 9.73
C LYS B 196 15.90 28.12 9.33
N CYS B 197 16.14 27.18 10.25
CA CYS B 197 15.88 25.76 10.02
C CYS B 197 14.47 25.35 10.46
N TYR B 198 13.77 24.65 9.57
CA TYR B 198 12.42 24.20 9.86
C TYR B 198 12.29 22.83 10.49
N LEU B 199 13.41 22.16 10.72
CA LEU B 199 13.41 20.86 11.40
C LEU B 199 13.99 21.11 12.79
N ALA B 200 13.57 20.31 13.77
CA ALA B 200 14.05 20.48 15.13
C ALA B 200 15.57 20.29 15.21
N PRO B 201 16.22 20.98 16.17
CA PRO B 201 17.68 20.83 16.29
C PRO B 201 18.18 19.39 16.47
N ASN B 202 17.35 18.54 17.07
CA ASN B 202 17.73 17.16 17.30
C ASN B 202 16.98 16.15 16.45
N ARG B 203 16.45 16.59 15.31
CA ARG B 203 15.70 15.70 14.42
C ARG B 203 16.71 14.88 13.60
N ALA B 204 17.04 13.69 14.08
CA ALA B 204 18.01 12.83 13.39
C ALA B 204 17.40 12.09 12.21
N LEU B 205 18.09 12.11 11.08
CA LEU B 205 17.63 11.44 9.87
C LEU B 205 18.78 10.86 9.05
N PRO B 206 18.51 9.83 8.25
CA PRO B 206 19.55 9.23 7.43
C PRO B 206 19.70 10.14 6.21
N MET B 207 20.93 10.28 5.72
CA MET B 207 21.21 11.12 4.58
C MET B 207 22.34 10.52 3.74
N MET B 208 22.55 11.09 2.55
CA MET B 208 23.61 10.63 1.67
C MET B 208 23.86 11.69 0.61
N TYR B 209 25.08 11.72 0.08
CA TYR B 209 25.50 12.68 -0.92
C TYR B 209 25.14 12.18 -2.32
N MET B 210 24.73 13.10 -3.19
CA MET B 210 24.31 12.76 -4.56
C MET B 210 25.22 11.82 -5.35
N PRO B 211 26.55 12.01 -5.30
CA PRO B 211 27.43 11.11 -6.05
C PRO B 211 27.18 9.65 -5.69
N ASP B 212 26.96 9.39 -4.40
CA ASP B 212 26.70 8.03 -3.94
C ASP B 212 25.27 7.61 -4.29
N ALA B 213 24.35 8.56 -4.30
CA ALA B 213 22.95 8.28 -4.64
C ALA B 213 22.85 7.86 -6.10
N LEU B 214 23.61 8.54 -6.96
CA LEU B 214 23.60 8.23 -8.39
C LEU B 214 24.25 6.88 -8.65
N LYS B 215 25.39 6.63 -7.99
CA LYS B 215 26.07 5.36 -8.16
C LYS B 215 25.20 4.20 -7.72
N ALA B 216 24.50 4.39 -6.60
CA ALA B 216 23.63 3.37 -6.06
C ALA B 216 22.49 3.03 -7.02
N LEU B 217 21.89 4.05 -7.62
CA LEU B 217 20.78 3.84 -8.53
C LEU B 217 21.23 3.06 -9.77
N VAL B 218 22.41 3.39 -10.27
CA VAL B 218 22.94 2.71 -11.45
C VAL B 218 23.47 1.33 -11.11
N ASP B 219 24.03 1.16 -9.91
CA ASP B 219 24.52 -0.15 -9.51
C ASP B 219 23.32 -1.10 -9.41
N LEU B 220 22.21 -0.59 -8.87
CA LEU B 220 21.01 -1.42 -8.73
C LEU B 220 20.47 -1.78 -10.12
N TYR B 221 20.55 -0.82 -11.03
CA TYR B 221 20.11 -0.99 -12.39
C TYR B 221 20.93 -2.04 -13.12
N GLU B 222 22.26 -2.02 -12.92
CA GLU B 222 23.16 -2.95 -13.58
C GLU B 222 23.21 -4.36 -13.01
N ALA B 223 22.82 -4.51 -11.75
CA ALA B 223 22.83 -5.82 -11.10
C ALA B 223 22.14 -6.88 -11.94
N ASP B 224 22.65 -8.11 -11.89
CA ASP B 224 22.02 -9.18 -12.66
C ASP B 224 20.73 -9.59 -11.99
N ARG B 225 19.63 -9.44 -12.74
CA ARG B 225 18.29 -9.74 -12.27
C ARG B 225 18.16 -10.94 -11.33
N ASP B 226 18.57 -12.11 -11.82
CA ASP B 226 18.47 -13.33 -11.04
C ASP B 226 19.35 -13.42 -9.80
N LYS B 227 19.95 -12.30 -9.41
CA LYS B 227 20.79 -12.29 -8.22
C LYS B 227 20.19 -11.39 -7.14
N LEU B 228 19.13 -10.68 -7.50
CA LEU B 228 18.44 -9.80 -6.57
C LEU B 228 17.37 -10.63 -5.88
N VAL B 229 17.33 -10.59 -4.56
CA VAL B 229 16.34 -11.34 -3.80
C VAL B 229 15.24 -10.40 -3.34
N LEU B 230 15.62 -9.40 -2.56
CA LEU B 230 14.68 -8.40 -2.05
C LEU B 230 14.05 -7.68 -3.23
N ARG B 231 14.91 -7.23 -4.15
CA ARG B 231 14.49 -6.55 -5.38
C ARG B 231 13.88 -5.16 -5.26
N ASN B 232 12.90 -5.02 -4.36
CA ASN B 232 12.24 -3.73 -4.15
C ASN B 232 12.27 -3.39 -2.66
N GLY B 233 12.56 -2.13 -2.36
CA GLY B 233 12.59 -1.68 -0.98
C GLY B 233 13.95 -1.70 -0.29
N TYR B 234 15.04 -1.66 -1.06
CA TYR B 234 16.38 -1.66 -0.48
C TYR B 234 16.72 -0.39 0.29
N ASN B 235 16.96 -0.52 1.59
CA ASN B 235 17.34 0.62 2.40
C ASN B 235 18.77 1.02 2.02
N VAL B 236 18.99 2.30 1.76
CA VAL B 236 20.34 2.77 1.46
C VAL B 236 20.56 4.05 2.24
N THR B 237 21.79 4.25 2.70
CA THR B 237 22.13 5.44 3.48
C THR B 237 23.64 5.57 3.58
N ALA B 238 24.10 6.74 3.98
CA ALA B 238 25.54 6.98 4.12
C ALA B 238 25.86 7.36 5.56
N TYR B 239 24.97 8.13 6.17
CA TYR B 239 25.16 8.58 7.55
C TYR B 239 23.88 9.17 8.11
N THR B 240 23.87 9.37 9.43
CA THR B 240 22.73 9.95 10.12
C THR B 240 23.19 11.16 10.91
N PHE B 241 22.45 12.27 10.83
CA PHE B 241 22.79 13.46 11.58
C PHE B 241 21.56 14.33 11.82
N THR B 242 21.69 15.22 12.79
CA THR B 242 20.61 16.14 13.15
C THR B 242 20.99 17.50 12.60
N PRO B 243 20.04 18.42 12.53
CA PRO B 243 20.35 19.76 12.01
C PRO B 243 21.45 20.45 12.84
N SER B 244 21.39 20.31 14.17
CA SER B 244 22.38 20.94 15.02
C SER B 244 23.78 20.34 14.81
N GLU B 245 23.84 19.06 14.46
CA GLU B 245 25.13 18.41 14.23
C GLU B 245 25.72 18.91 12.91
N LEU B 246 24.90 18.96 11.86
CA LEU B 246 25.36 19.45 10.56
C LEU B 246 25.81 20.89 10.72
N TYR B 247 25.04 21.67 11.47
CA TYR B 247 25.36 23.08 11.72
C TYR B 247 26.73 23.19 12.40
N SER B 248 26.92 22.41 13.46
CA SER B 248 28.17 22.43 14.20
C SER B 248 29.38 22.08 13.32
N LYS B 249 29.20 21.11 12.43
CA LYS B 249 30.29 20.70 11.55
C LYS B 249 30.59 21.77 10.51
N ILE B 250 29.54 22.41 9.99
CA ILE B 250 29.73 23.47 9.01
C ILE B 250 30.42 24.65 9.70
N LYS B 251 30.07 24.89 10.95
CA LYS B 251 30.64 25.99 11.72
C LYS B 251 32.15 25.81 11.94
N GLU B 252 32.59 24.56 11.99
CA GLU B 252 34.02 24.32 12.17
C GLU B 252 34.79 24.87 10.98
N ARG B 253 34.10 24.98 9.84
CA ARG B 253 34.69 25.51 8.60
C ARG B 253 34.39 26.99 8.44
N ILE B 254 33.17 27.39 8.79
CA ILE B 254 32.73 28.77 8.67
C ILE B 254 32.17 29.18 10.03
N PRO B 255 33.05 29.55 10.96
CA PRO B 255 32.70 29.96 12.33
C PRO B 255 31.71 31.10 12.51
N GLU B 256 31.56 31.96 11.50
CA GLU B 256 30.63 33.08 11.61
C GLU B 256 29.17 32.65 11.38
N PHE B 257 29.00 31.41 10.91
CA PHE B 257 27.66 30.89 10.64
C PHE B 257 26.78 30.80 11.87
N GLU B 258 25.52 31.21 11.72
CA GLU B 258 24.55 31.16 12.82
C GLU B 258 23.30 30.43 12.35
N ILE B 259 22.49 29.99 13.31
CA ILE B 259 21.28 29.26 12.99
C ILE B 259 20.21 29.44 14.06
N GLU B 260 18.95 29.37 13.65
CA GLU B 260 17.83 29.46 14.59
C GLU B 260 16.82 28.42 14.12
N TYR B 261 16.02 27.91 15.04
CA TYR B 261 15.06 26.88 14.68
C TYR B 261 13.61 27.31 14.77
N LYS B 262 12.90 27.22 13.65
CA LYS B 262 11.48 27.56 13.63
C LYS B 262 10.80 26.38 12.95
N GLU B 263 10.57 25.34 13.73
CA GLU B 263 9.95 24.10 13.25
C GLU B 263 8.53 24.28 12.70
N ASP B 264 8.23 23.63 11.59
CA ASP B 264 6.90 23.68 11.01
C ASP B 264 6.40 22.27 10.66
N PHE B 265 5.38 22.19 9.81
CA PHE B 265 4.81 20.90 9.43
C PHE B 265 5.83 19.90 8.92
N ARG B 266 6.93 20.39 8.35
CA ARG B 266 7.94 19.48 7.83
C ARG B 266 8.66 18.72 8.94
N ASP B 267 8.74 19.31 10.12
CA ASP B 267 9.38 18.63 11.23
C ASP B 267 8.47 17.50 11.71
N LYS B 268 7.16 17.71 11.59
CA LYS B 268 6.20 16.69 11.99
C LYS B 268 6.28 15.51 11.03
N ILE B 269 6.55 15.80 9.76
CA ILE B 269 6.71 14.74 8.76
C ILE B 269 7.96 13.94 9.14
N ALA B 270 9.07 14.64 9.35
CA ALA B 270 10.34 14.01 9.69
C ALA B 270 10.29 13.17 10.96
N ALA B 271 9.52 13.62 11.94
CA ALA B 271 9.40 12.90 13.20
C ALA B 271 8.83 11.48 13.07
N THR B 272 8.09 11.23 11.99
CA THR B 272 7.51 9.91 11.79
C THR B 272 8.47 8.93 11.11
N TRP B 273 9.67 9.41 10.74
CA TRP B 273 10.64 8.57 10.07
C TRP B 273 11.76 8.09 10.98
N PRO B 274 12.44 6.99 10.60
CA PRO B 274 13.53 6.46 11.43
C PRO B 274 14.77 7.37 11.37
N GLU B 275 15.66 7.18 12.34
CA GLU B 275 16.89 7.98 12.42
C GLU B 275 18.02 7.40 11.59
N SER B 276 18.18 6.07 11.62
CA SER B 276 19.24 5.43 10.87
C SER B 276 18.77 4.12 10.23
N LEU B 277 19.39 3.77 9.11
CA LEU B 277 19.03 2.56 8.38
C LEU B 277 20.14 1.52 8.31
N ASP B 278 19.73 0.26 8.12
CA ASP B 278 20.64 -0.87 7.96
C ASP B 278 20.62 -1.08 6.45
N SER B 279 21.77 -0.94 5.80
CA SER B 279 21.80 -1.11 4.34
C SER B 279 22.58 -2.34 3.89
N SER B 280 22.68 -3.34 4.77
CA SER B 280 23.42 -4.57 4.45
C SER B 280 22.86 -5.36 3.27
N GLU B 281 21.55 -5.37 3.11
CA GLU B 281 20.92 -6.10 2.02
C GLU B 281 21.34 -5.55 0.66
N ALA B 282 21.37 -4.23 0.54
CA ALA B 282 21.78 -3.58 -0.70
C ALA B 282 23.24 -3.91 -1.02
N SER B 283 24.07 -3.89 0.02
CA SER B 283 25.49 -4.18 -0.15
C SER B 283 25.70 -5.65 -0.55
N ASN B 284 25.00 -6.55 0.13
CA ASN B 284 25.13 -7.97 -0.14
C ASN B 284 24.59 -8.42 -1.49
N GLU B 285 23.46 -7.87 -1.90
CA GLU B 285 22.85 -8.27 -3.16
C GLU B 285 23.33 -7.59 -4.43
N TRP B 286 23.66 -6.30 -4.36
CA TRP B 286 24.13 -5.64 -5.57
C TRP B 286 25.35 -4.74 -5.41
N GLY B 287 26.06 -4.89 -4.30
CA GLY B 287 27.28 -4.12 -4.08
C GLY B 287 27.21 -2.67 -3.67
N PHE B 288 26.09 -2.25 -3.09
CA PHE B 288 25.94 -0.87 -2.64
C PHE B 288 27.11 -0.45 -1.75
N SER B 289 27.73 0.69 -2.07
CA SER B 289 28.85 1.20 -1.29
C SER B 289 28.83 2.73 -1.21
N ILE B 290 29.49 3.27 -0.21
CA ILE B 290 29.55 4.72 -0.01
C ILE B 290 30.98 5.25 -0.14
N GLU B 291 31.15 6.30 -0.93
CA GLU B 291 32.48 6.88 -1.11
C GLU B 291 32.63 8.26 -0.45
N TYR B 292 31.52 8.85 -0.03
CA TYR B 292 31.57 10.17 0.61
C TYR B 292 31.04 10.16 2.04
N ASP B 293 31.93 10.24 3.04
CA ASP B 293 31.46 10.29 4.41
C ASP B 293 30.96 11.70 4.68
N LEU B 294 30.50 11.95 5.90
CA LEU B 294 29.95 13.27 6.22
C LEU B 294 30.93 14.42 6.02
N ASP B 295 32.16 14.26 6.52
CA ASP B 295 33.16 15.31 6.36
C ASP B 295 33.44 15.61 4.88
N ARG B 296 33.57 14.57 4.06
CA ARG B 296 33.85 14.78 2.65
C ARG B 296 32.69 15.47 1.92
N THR B 297 31.45 15.13 2.25
CA THR B 297 30.35 15.78 1.56
C THR B 297 30.23 17.23 2.04
N ILE B 298 30.52 17.48 3.32
CA ILE B 298 30.43 18.84 3.84
C ILE B 298 31.42 19.75 3.13
N ASP B 299 32.68 19.32 3.05
CA ASP B 299 33.70 20.13 2.38
C ASP B 299 33.45 20.22 0.88
N ASP B 300 32.98 19.14 0.26
CA ASP B 300 32.73 19.15 -1.17
C ASP B 300 31.58 20.11 -1.49
N MET B 301 30.58 20.15 -0.62
CA MET B 301 29.44 21.06 -0.81
C MET B 301 29.87 22.52 -0.68
N ILE B 302 30.58 22.83 0.40
CA ILE B 302 31.06 24.19 0.62
C ILE B 302 31.91 24.63 -0.56
N ASP B 303 32.77 23.73 -1.02
CA ASP B 303 33.66 24.01 -2.16
C ASP B 303 32.83 24.36 -3.39
N HIS B 304 31.92 23.46 -3.76
CA HIS B 304 31.07 23.67 -4.94
C HIS B 304 30.07 24.83 -4.79
N ILE B 305 29.50 24.99 -3.61
CA ILE B 305 28.55 26.08 -3.39
C ILE B 305 29.28 27.42 -3.41
N SER B 306 30.53 27.42 -2.97
CA SER B 306 31.34 28.64 -2.93
C SER B 306 31.77 29.11 -4.32
N GLU B 307 32.44 28.22 -5.06
CA GLU B 307 32.91 28.58 -6.40
C GLU B 307 31.73 28.98 -7.28
N LYS B 308 30.58 28.40 -6.98
CA LYS B 308 29.37 28.67 -7.73
C LYS B 308 28.97 30.14 -7.54
#